data_9PSC
#
_entry.id   9PSC
#
_cell.length_a   161.152
_cell.length_b   161.152
_cell.length_c   100.013
_cell.angle_alpha   90.000
_cell.angle_beta   90.000
_cell.angle_gamma   120.000
#
_symmetry.space_group_name_H-M   'P 32 2 1'
#
loop_
_entity.id
_entity.type
_entity.pdbx_description
1 polymer 'PUM-HD domain-containing protein'
2 polymer 'pos-1 RNA mut1'
3 non-polymer GLYCEROL
4 non-polymer 'FORMIC ACID'
5 water water
#
loop_
_entity_poly.entity_id
_entity_poly.type
_entity_poly.pdbx_seq_one_letter_code
_entity_poly.pdbx_strand_id
1 'polypeptide(L)'
;SAVRLIDLENNASFSKSLNSTTRSHKCTLPIWAGDGEGNVSDSVTLQDVLANDALVEFATDKNGCRFLQEHYPTENDNDV
HQKLFRKLVEDRAIFLSLCSNMFGNFFVQRVLECSNTEEQEILTEHLATDLYNLCLDKSACRVIQLAIQKLDVHLATRLS
LELRDTHLVRLSIDQNGNHVIQKIVKTLPVSSWTFLVDFFADDDNLIHVCQDKYGCRVIQSTVETLSTDQYAQCYQHRVI
LLRSLMAGVTRNCTQLASNEFANYVVQHVIKCGDALAVYRDIIIEQCLLQNLLSMSQEKYASHVVEVAFECAPYRLVAEM
MNEIFEGYIPHPDTNRDALDILLFHQYGNYVVQQMIQTCVLGQNARDQKQSEMYGMWLEKIHGRVMRNAHRLERFSSGKK
IIEALQSMSLY
;
A
2 'polyribonucleotide' CUGUAUUAUAU B
#
loop_
_chem_comp.id
_chem_comp.type
_chem_comp.name
_chem_comp.formula
A RNA linking ADENOSINE-5'-MONOPHOSPHATE 'C10 H14 N5 O7 P'
C RNA linking CYTIDINE-5'-MONOPHOSPHATE 'C9 H14 N3 O8 P'
FMT non-polymer 'FORMIC ACID' 'C H2 O2'
G RNA linking GUANOSINE-5'-MONOPHOSPHATE 'C10 H14 N5 O8 P'
GOL non-polymer GLYCEROL 'C3 H8 O3'
U RNA linking URIDINE-5'-MONOPHOSPHATE 'C9 H13 N2 O9 P'
#
# COMPACT_ATOMS: atom_id res chain seq x y z
N ALA A 2 30.55 -50.19 27.22
CA ALA A 2 29.71 -49.26 26.46
C ALA A 2 30.27 -49.02 25.06
N VAL A 3 30.18 -50.03 24.18
CA VAL A 3 30.68 -49.89 22.82
C VAL A 3 29.78 -48.98 22.01
N ARG A 4 30.39 -48.20 21.13
CA ARG A 4 29.68 -47.21 20.34
C ARG A 4 28.89 -47.86 19.22
N LEU A 5 27.82 -47.20 18.77
CA LEU A 5 27.03 -47.70 17.63
C LEU A 5 26.75 -46.52 16.69
N ILE A 6 27.31 -46.56 15.49
CA ILE A 6 27.05 -45.51 14.46
C ILE A 6 25.87 -45.99 13.63
N ASP A 7 24.69 -45.40 13.83
CA ASP A 7 23.46 -45.83 13.13
C ASP A 7 23.21 -44.91 11.94
N LEU A 8 23.63 -45.31 10.75
CA LEU A 8 23.40 -44.54 9.52
C LEU A 8 21.96 -44.74 9.10
N GLU A 9 21.41 -43.83 8.30
CA GLU A 9 20.01 -43.89 7.84
C GLU A 9 19.90 -44.81 6.63
N ASN A 10 18.84 -45.61 6.57
CA ASN A 10 18.58 -46.48 5.42
C ASN A 10 18.35 -45.65 4.16
N ASN A 11 19.00 -46.04 3.06
CA ASN A 11 18.76 -45.43 1.75
C ASN A 11 17.38 -45.88 1.23
N ALA A 12 16.43 -44.96 1.12
CA ALA A 12 15.13 -45.21 0.52
C ALA A 12 15.01 -44.35 -0.73
N SER A 13 15.62 -44.81 -1.82
CA SER A 13 15.80 -44.02 -3.02
C SER A 13 14.65 -44.10 -4.01
N PHE A 14 13.66 -44.98 -3.78
CA PHE A 14 12.44 -45.04 -4.59
C PHE A 14 11.28 -44.98 -3.60
N SER A 15 10.91 -43.75 -3.21
CA SER A 15 9.74 -43.43 -2.40
C SER A 15 8.99 -42.22 -2.95
N LYS A 16 9.71 -41.23 -3.46
CA LYS A 16 9.05 -40.23 -4.30
C LYS A 16 8.49 -40.88 -5.54
N SER A 17 9.15 -41.93 -6.03
CA SER A 17 8.68 -42.57 -7.24
C SER A 17 7.32 -43.21 -6.98
N LEU A 18 7.14 -43.78 -5.77
CA LEU A 18 5.88 -44.44 -5.44
C LEU A 18 4.83 -43.52 -4.86
N ASN A 19 5.23 -42.35 -4.35
CA ASN A 19 4.25 -41.33 -3.97
C ASN A 19 3.74 -40.54 -5.16
N SER A 20 4.34 -40.69 -6.34
CA SER A 20 3.83 -40.01 -7.52
C SER A 20 2.57 -40.65 -8.08
N THR A 21 2.17 -41.83 -7.60
CA THR A 21 0.94 -42.46 -8.07
C THR A 21 -0.25 -41.85 -7.35
N THR A 22 -1.20 -41.33 -8.13
CA THR A 22 -2.40 -40.67 -7.64
C THR A 22 -3.61 -41.18 -8.40
N ARG A 23 -4.81 -41.00 -7.84
CA ARG A 23 -6.04 -41.37 -8.58
C ARG A 23 -6.28 -40.29 -9.63
N SER A 24 -6.56 -39.06 -9.19
CA SER A 24 -6.66 -37.93 -10.09
C SER A 24 -5.28 -37.51 -10.61
N HIS A 25 -5.28 -36.99 -11.84
CA HIS A 25 -4.10 -36.33 -12.38
C HIS A 25 -4.01 -34.86 -12.00
N LYS A 26 -5.05 -34.31 -11.38
CA LYS A 26 -5.04 -32.88 -10.97
C LYS A 26 -4.61 -32.77 -9.51
N CYS A 27 -4.83 -33.81 -8.72
CA CYS A 27 -4.46 -33.83 -7.32
C CYS A 27 -3.17 -34.61 -7.11
N THR A 28 -2.41 -34.23 -6.08
CA THR A 28 -1.14 -34.87 -5.78
C THR A 28 -1.19 -35.81 -4.58
N LEU A 29 -2.36 -36.01 -3.97
CA LEU A 29 -2.41 -36.83 -2.76
C LEU A 29 -2.00 -38.27 -3.12
N PRO A 30 -1.07 -38.88 -2.40
CA PRO A 30 -0.71 -40.26 -2.74
C PRO A 30 -1.90 -41.18 -2.59
N ILE A 31 -1.97 -42.15 -3.50
CA ILE A 31 -3.12 -43.06 -3.54
C ILE A 31 -3.24 -43.87 -2.26
N TRP A 32 -2.14 -44.12 -1.56
CA TRP A 32 -2.21 -44.89 -0.33
C TRP A 32 -2.92 -44.14 0.79
N ALA A 33 -2.90 -42.81 0.75
CA ALA A 33 -3.60 -41.97 1.72
C ALA A 33 -5.03 -41.68 1.31
N GLY A 34 -5.43 -42.02 0.10
CA GLY A 34 -6.75 -41.67 -0.38
C GLY A 34 -7.86 -42.53 0.19
N ASP A 35 -9.08 -41.99 0.12
CA ASP A 35 -10.29 -42.76 0.34
C ASP A 35 -11.04 -43.04 -0.96
N GLY A 36 -10.45 -42.70 -2.11
CA GLY A 36 -11.09 -42.83 -3.41
C GLY A 36 -11.84 -41.60 -3.87
N GLU A 37 -12.12 -40.65 -2.97
CA GLU A 37 -12.89 -39.46 -3.28
C GLU A 37 -12.07 -38.18 -3.20
N GLY A 38 -10.74 -38.28 -3.09
CA GLY A 38 -9.86 -37.14 -2.97
C GLY A 38 -9.58 -36.69 -1.54
N ASN A 39 -10.23 -37.29 -0.56
CA ASN A 39 -10.05 -36.94 0.85
C ASN A 39 -9.01 -37.88 1.48
N VAL A 40 -8.54 -37.50 2.66
CA VAL A 40 -7.51 -38.28 3.36
C VAL A 40 -8.20 -39.36 4.18
N SER A 41 -7.86 -40.61 3.91
CA SER A 41 -8.36 -41.75 4.66
C SER A 41 -8.10 -41.61 6.15
N ASP A 42 -9.08 -42.03 6.97
CA ASP A 42 -9.01 -41.84 8.41
C ASP A 42 -7.94 -42.68 9.08
N SER A 43 -7.50 -43.78 8.45
CA SER A 43 -6.37 -44.54 8.96
C SER A 43 -5.05 -43.76 8.90
N VAL A 44 -4.97 -42.74 8.04
CA VAL A 44 -3.72 -42.02 7.85
C VAL A 44 -3.41 -41.19 9.09
N THR A 45 -2.12 -41.16 9.44
CA THR A 45 -1.59 -40.40 10.57
C THR A 45 -0.39 -39.59 10.09
N LEU A 46 0.05 -38.62 10.89
CA LEU A 46 1.26 -37.88 10.53
C LEU A 46 2.48 -38.80 10.54
N GLN A 47 2.48 -39.82 11.39
CA GLN A 47 3.54 -40.83 11.34
C GLN A 47 3.57 -41.54 9.99
N ASP A 48 2.42 -41.73 9.35
CA ASP A 48 2.41 -42.32 8.00
C ASP A 48 3.03 -41.38 6.97
N VAL A 49 2.79 -40.07 7.10
CA VAL A 49 3.38 -39.12 6.17
C VAL A 49 4.90 -39.13 6.34
N LEU A 50 5.35 -39.21 7.59
CA LEU A 50 6.78 -39.26 7.84
C LEU A 50 7.39 -40.57 7.36
N ALA A 51 6.71 -41.70 7.62
CA ALA A 51 7.27 -43.00 7.28
C ALA A 51 7.43 -43.20 5.78
N ASN A 52 6.50 -42.65 5.01
CA ASN A 52 6.51 -42.79 3.56
C ASN A 52 7.20 -41.62 2.87
N ASP A 53 7.70 -40.66 3.64
CA ASP A 53 8.41 -39.48 3.12
C ASP A 53 7.53 -38.73 2.12
N ALA A 54 6.32 -38.37 2.57
CA ALA A 54 5.28 -37.90 1.67
C ALA A 54 4.79 -36.50 2.03
N LEU A 55 5.62 -35.72 2.72
CA LEU A 55 5.24 -34.37 3.14
C LEU A 55 4.95 -33.48 1.96
N VAL A 56 5.81 -33.52 0.93
CA VAL A 56 5.60 -32.69 -0.23
C VAL A 56 4.28 -33.07 -0.91
N GLU A 57 4.05 -34.36 -1.12
CA GLU A 57 2.88 -34.78 -1.88
C GLU A 57 1.60 -34.47 -1.12
N PHE A 58 1.61 -34.48 0.22
CA PHE A 58 0.43 -33.95 0.89
C PHE A 58 0.36 -32.43 0.75
N ALA A 59 1.50 -31.74 0.91
CA ALA A 59 1.48 -30.28 0.96
C ALA A 59 1.04 -29.67 -0.35
N THR A 60 1.29 -30.35 -1.47
CA THR A 60 0.89 -29.86 -2.78
C THR A 60 -0.54 -30.21 -3.16
N ASP A 61 -1.26 -30.94 -2.30
CA ASP A 61 -2.66 -31.29 -2.47
C ASP A 61 -3.51 -30.47 -1.50
N LYS A 62 -4.68 -29.98 -1.96
CA LYS A 62 -5.54 -29.17 -1.11
C LYS A 62 -5.91 -29.91 0.18
N ASN A 63 -6.54 -31.07 0.06
CA ASN A 63 -7.00 -31.74 1.28
C ASN A 63 -5.85 -32.28 2.12
N GLY A 64 -4.78 -32.76 1.48
CA GLY A 64 -3.64 -33.22 2.26
C GLY A 64 -2.96 -32.08 2.99
N CYS A 65 -2.89 -30.90 2.36
CA CYS A 65 -2.32 -29.76 3.06
C CYS A 65 -3.23 -29.31 4.21
N ARG A 66 -4.56 -29.38 4.04
CA ARG A 66 -5.43 -29.01 5.16
C ARG A 66 -5.22 -30.01 6.31
N PHE A 67 -4.98 -31.28 5.97
CA PHE A 67 -4.68 -32.30 6.99
C PHE A 67 -3.41 -31.93 7.76
N LEU A 68 -2.37 -31.52 7.04
CA LEU A 68 -1.13 -31.12 7.69
C LEU A 68 -1.37 -29.93 8.62
N GLN A 69 -2.10 -28.91 8.14
CA GLN A 69 -2.34 -27.73 8.97
C GLN A 69 -3.18 -28.08 10.19
N GLU A 70 -4.11 -29.02 10.04
CA GLU A 70 -4.97 -29.40 11.15
C GLU A 70 -4.17 -30.05 12.25
N HIS A 71 -3.39 -31.07 11.91
CA HIS A 71 -2.80 -31.95 12.90
C HIS A 71 -1.37 -31.58 13.26
N TYR A 72 -0.83 -30.52 12.71
CA TYR A 72 0.55 -30.16 13.03
C TYR A 72 0.60 -29.74 14.50
N PRO A 73 1.39 -30.40 15.36
CA PRO A 73 1.45 -29.94 16.76
C PRO A 73 2.01 -28.55 16.85
N THR A 74 1.43 -27.75 17.76
CA THR A 74 1.89 -26.39 17.94
C THR A 74 3.19 -26.36 18.74
N GLU A 75 3.28 -27.17 19.78
CA GLU A 75 4.38 -27.07 20.73
C GLU A 75 5.69 -27.49 20.05
N ASN A 76 6.75 -26.74 20.31
CA ASN A 76 8.03 -26.94 19.63
C ASN A 76 8.82 -28.12 20.17
N ASP A 77 8.48 -28.62 21.36
CA ASP A 77 9.16 -29.77 21.95
C ASP A 77 8.57 -31.12 21.53
N ASN A 78 7.38 -31.13 20.90
CA ASN A 78 6.78 -32.37 20.40
C ASN A 78 7.63 -32.98 19.28
N ASP A 79 7.77 -34.31 19.33
CA ASP A 79 8.67 -34.98 18.38
C ASP A 79 8.13 -34.93 16.95
N VAL A 80 6.80 -35.04 16.77
CA VAL A 80 6.25 -35.01 15.41
C VAL A 80 6.44 -33.63 14.80
N HIS A 81 6.24 -32.58 15.60
CA HIS A 81 6.55 -31.21 15.19
C HIS A 81 7.94 -31.14 14.59
N GLN A 82 8.93 -31.71 15.28
CA GLN A 82 10.33 -31.53 14.91
C GLN A 82 10.67 -32.35 13.68
N LYS A 83 10.18 -33.59 13.60
CA LYS A 83 10.45 -34.42 12.42
C LYS A 83 9.79 -33.86 11.17
N LEU A 84 8.58 -33.28 11.30
CA LEU A 84 7.99 -32.60 10.17
C LEU A 84 8.77 -31.35 9.78
N PHE A 85 9.17 -30.55 10.77
CA PHE A 85 9.94 -29.36 10.48
C PHE A 85 11.22 -29.72 9.76
N ARG A 86 11.85 -30.82 10.19
CA ARG A 86 13.05 -31.31 9.55
C ARG A 86 12.80 -31.69 8.09
N LYS A 87 11.72 -32.45 7.82
CA LYS A 87 11.39 -32.80 6.43
C LYS A 87 11.16 -31.55 5.59
N LEU A 88 10.54 -30.54 6.18
CA LEU A 88 10.31 -29.29 5.45
C LEU A 88 11.62 -28.59 5.09
N VAL A 89 12.54 -28.47 6.05
CA VAL A 89 13.69 -27.58 5.86
C VAL A 89 14.97 -28.30 5.43
N GLU A 90 14.98 -29.64 5.43
CA GLU A 90 16.23 -30.34 5.15
C GLU A 90 16.75 -30.08 3.75
N ASP A 91 15.86 -29.79 2.79
CA ASP A 91 16.24 -29.43 1.42
C ASP A 91 15.71 -28.04 1.06
N ARG A 92 16.65 -27.15 0.72
CA ARG A 92 16.29 -25.77 0.42
C ARG A 92 15.39 -25.68 -0.80
N ALA A 93 15.69 -26.44 -1.86
CA ALA A 93 14.88 -26.32 -3.08
C ALA A 93 13.46 -26.84 -2.86
N ILE A 94 13.31 -27.93 -2.10
CA ILE A 94 11.99 -28.42 -1.74
C ILE A 94 11.24 -27.38 -0.91
N PHE A 95 11.92 -26.76 0.04
CA PHE A 95 11.30 -25.75 0.87
C PHE A 95 10.77 -24.61 0.02
N LEU A 96 11.62 -24.06 -0.85
CA LEU A 96 11.21 -22.89 -1.61
C LEU A 96 10.13 -23.23 -2.63
N SER A 97 10.11 -24.48 -3.13
CA SER A 97 9.03 -24.86 -4.03
C SER A 97 7.70 -24.96 -3.28
N LEU A 98 7.69 -25.52 -2.06
CA LEU A 98 6.46 -25.49 -1.27
C LEU A 98 6.00 -24.07 -0.96
N CYS A 99 6.95 -23.16 -0.73
CA CYS A 99 6.59 -21.75 -0.53
C CYS A 99 5.89 -21.18 -1.77
N SER A 100 6.32 -21.59 -2.96
CA SER A 100 5.75 -21.08 -4.21
C SER A 100 4.51 -21.84 -4.68
N ASN A 101 4.09 -22.88 -3.96
CA ASN A 101 2.91 -23.65 -4.35
C ASN A 101 1.62 -22.98 -3.91
N MET A 102 0.55 -23.20 -4.70
CA MET A 102 -0.77 -22.68 -4.35
C MET A 102 -1.31 -23.27 -3.05
N PHE A 103 -0.97 -24.51 -2.72
CA PHE A 103 -1.48 -25.12 -1.49
C PHE A 103 -0.41 -25.25 -0.40
N GLY A 104 0.83 -25.54 -0.76
CA GLY A 104 1.84 -25.79 0.26
C GLY A 104 2.23 -24.55 1.04
N ASN A 105 2.03 -23.36 0.48
CA ASN A 105 2.37 -22.09 1.19
C ASN A 105 1.58 -22.02 2.48
N PHE A 106 0.37 -22.55 2.48
CA PHE A 106 -0.50 -22.50 3.66
C PHE A 106 0.06 -23.39 4.78
N PHE A 107 0.78 -24.45 4.43
CA PHE A 107 1.47 -25.20 5.48
C PHE A 107 2.67 -24.42 6.00
N VAL A 108 3.42 -23.75 5.10
CA VAL A 108 4.61 -23.02 5.55
C VAL A 108 4.19 -21.93 6.53
N GLN A 109 3.09 -21.25 6.23
CA GLN A 109 2.60 -20.20 7.14
C GLN A 109 2.27 -20.81 8.51
N ARG A 110 1.69 -22.01 8.51
CA ARG A 110 1.34 -22.63 9.77
C ARG A 110 2.58 -22.90 10.60
N VAL A 111 3.68 -23.28 9.94
CA VAL A 111 4.93 -23.51 10.66
C VAL A 111 5.42 -22.21 11.28
N LEU A 112 5.34 -21.12 10.52
CA LEU A 112 5.75 -19.82 11.05
C LEU A 112 4.89 -19.41 12.24
N GLU A 113 3.60 -19.77 12.23
CA GLU A 113 2.76 -19.38 13.36
C GLU A 113 3.21 -20.06 14.63
N CYS A 114 3.84 -21.23 14.50
CA CYS A 114 4.22 -22.06 15.63
C CYS A 114 5.71 -21.96 15.94
N SER A 115 6.46 -21.24 15.11
CA SER A 115 7.92 -21.25 15.20
C SER A 115 8.43 -20.49 16.41
N ASN A 116 9.55 -20.96 16.91
CA ASN A 116 10.39 -20.29 17.88
C ASN A 116 11.62 -19.73 17.16
N THR A 117 12.52 -19.09 17.92
CA THR A 117 13.64 -18.38 17.32
C THR A 117 14.57 -19.34 16.56
N GLU A 118 14.79 -20.52 17.12
CA GLU A 118 15.64 -21.52 16.47
C GLU A 118 15.13 -21.87 15.07
N GLU A 119 13.84 -22.21 14.97
CA GLU A 119 13.26 -22.58 13.67
C GLU A 119 13.26 -21.39 12.72
N GLN A 120 13.00 -20.19 13.24
CA GLN A 120 13.02 -18.99 12.43
C GLN A 120 14.40 -18.74 11.79
N GLU A 121 15.50 -19.11 12.47
CA GLU A 121 16.81 -18.88 11.88
C GLU A 121 16.97 -19.64 10.56
N ILE A 122 16.65 -20.94 10.58
CA ILE A 122 16.79 -21.73 9.36
C ILE A 122 15.78 -21.31 8.30
N LEU A 123 14.56 -20.95 8.72
CA LEU A 123 13.59 -20.46 7.74
C LEU A 123 14.08 -19.19 7.06
N THR A 124 14.70 -18.29 7.84
CA THR A 124 15.19 -17.04 7.28
C THR A 124 16.38 -17.30 6.36
N GLU A 125 17.24 -18.24 6.72
N GLU A 125 17.25 -18.24 6.72
CA GLU A 125 18.37 -18.54 5.85
CA GLU A 125 18.37 -18.57 5.85
C GLU A 125 17.88 -19.14 4.53
C GLU A 125 17.87 -19.12 4.52
N HIS A 126 16.82 -19.94 4.55
CA HIS A 126 16.26 -20.46 3.29
C HIS A 126 15.66 -19.33 2.46
N LEU A 127 14.85 -18.47 3.09
CA LEU A 127 14.13 -17.46 2.33
C LEU A 127 15.05 -16.42 1.70
N ALA A 128 16.15 -16.05 2.38
CA ALA A 128 17.03 -15.00 1.89
C ALA A 128 17.68 -15.35 0.55
N THR A 129 17.87 -16.65 0.29
CA THR A 129 18.56 -17.06 -0.93
C THR A 129 17.80 -16.66 -2.20
N ASP A 130 16.47 -16.51 -2.14
CA ASP A 130 15.73 -16.04 -3.31
C ASP A 130 14.56 -15.13 -2.93
N LEU A 131 14.76 -14.28 -1.91
CA LEU A 131 13.66 -13.42 -1.45
C LEU A 131 13.01 -12.62 -2.57
N TYR A 132 13.81 -12.08 -3.50
CA TYR A 132 13.24 -11.19 -4.51
C TYR A 132 12.19 -11.91 -5.34
N ASN A 133 12.53 -13.06 -5.91
CA ASN A 133 11.57 -13.79 -6.74
C ASN A 133 10.43 -14.36 -5.93
N LEU A 134 10.68 -14.73 -4.67
CA LEU A 134 9.56 -15.12 -3.81
C LEU A 134 8.58 -13.97 -3.59
N CYS A 135 9.06 -12.73 -3.51
CA CYS A 135 8.16 -11.61 -3.33
C CYS A 135 7.25 -11.41 -4.54
N LEU A 136 7.73 -11.81 -5.72
CA LEU A 136 6.95 -11.70 -6.94
C LEU A 136 5.93 -12.81 -7.11
N ASP A 137 6.06 -13.91 -6.37
CA ASP A 137 5.20 -15.06 -6.55
C ASP A 137 3.92 -14.87 -5.74
N LYS A 138 2.78 -15.24 -6.34
CA LYS A 138 1.47 -14.98 -5.74
C LYS A 138 1.24 -15.80 -4.48
N SER A 139 1.85 -16.98 -4.41
CA SER A 139 1.84 -17.81 -3.20
C SER A 139 2.92 -17.43 -2.19
N ALA A 140 4.16 -17.24 -2.64
CA ALA A 140 5.27 -17.04 -1.71
C ALA A 140 5.21 -15.68 -1.01
N CYS A 141 4.67 -14.65 -1.67
CA CYS A 141 4.63 -13.34 -1.04
C CYS A 141 3.82 -13.37 0.25
N ARG A 142 2.86 -14.28 0.32
CA ARG A 142 2.05 -14.40 1.55
C ARG A 142 2.93 -14.97 2.67
N VAL A 143 3.89 -15.83 2.32
CA VAL A 143 4.82 -16.36 3.31
C VAL A 143 5.78 -15.27 3.76
N ILE A 144 6.28 -14.47 2.81
CA ILE A 144 7.21 -13.39 3.15
C ILE A 144 6.54 -12.39 4.08
N GLN A 145 5.26 -12.07 3.84
CA GLN A 145 4.60 -11.09 4.70
C GLN A 145 4.37 -11.65 6.10
N LEU A 146 3.99 -12.94 6.19
CA LEU A 146 3.84 -13.49 7.52
C LEU A 146 5.19 -13.55 8.24
N ALA A 147 6.26 -13.76 7.47
CA ALA A 147 7.59 -13.81 8.06
C ALA A 147 7.98 -12.45 8.62
N ILE A 148 7.72 -11.38 7.86
CA ILE A 148 7.94 -10.02 8.34
C ILE A 148 7.15 -9.76 9.62
N GLN A 149 5.94 -10.33 9.71
CA GLN A 149 5.13 -10.10 10.91
C GLN A 149 5.71 -10.84 12.12
N LYS A 150 6.06 -12.12 11.95
CA LYS A 150 6.29 -13.03 13.08
C LYS A 150 7.75 -13.17 13.45
N LEU A 151 8.67 -12.94 12.53
CA LEU A 151 10.08 -13.13 12.82
C LEU A 151 10.56 -12.14 13.87
N ASP A 152 11.57 -12.56 14.63
CA ASP A 152 12.36 -11.64 15.42
C ASP A 152 12.95 -10.58 14.50
N VAL A 153 13.03 -9.35 14.99
CA VAL A 153 13.34 -8.21 14.13
C VAL A 153 14.71 -8.32 13.46
N HIS A 154 15.73 -8.91 14.12
CA HIS A 154 17.02 -9.01 13.44
C HIS A 154 16.94 -9.95 12.24
N LEU A 155 16.11 -11.00 12.33
CA LEU A 155 15.91 -11.90 11.20
C LEU A 155 15.13 -11.21 10.08
N ALA A 156 14.04 -10.54 10.45
CA ALA A 156 13.24 -9.81 9.46
C ALA A 156 14.04 -8.71 8.78
N THR A 157 14.96 -8.08 9.53
CA THR A 157 15.86 -7.06 8.99
C THR A 157 16.83 -7.68 8.00
N ARG A 158 17.41 -8.84 8.34
CA ARG A 158 18.33 -9.52 7.42
C ARG A 158 17.62 -9.83 6.11
N LEU A 159 16.35 -10.24 6.21
CA LEU A 159 15.62 -10.62 5.02
C LEU A 159 15.25 -9.40 4.20
N SER A 160 14.69 -8.37 4.85
CA SER A 160 14.43 -7.09 4.21
C SER A 160 15.66 -6.50 3.50
N LEU A 161 16.83 -6.51 4.16
CA LEU A 161 18.06 -6.01 3.56
C LEU A 161 18.48 -6.82 2.35
N GLU A 162 18.01 -8.07 2.25
CA GLU A 162 18.29 -8.82 1.03
C GLU A 162 17.69 -8.16 -0.22
N LEU A 163 16.72 -7.23 -0.10
CA LEU A 163 16.16 -6.55 -1.26
C LEU A 163 16.98 -5.34 -1.71
N ARG A 164 18.01 -4.95 -0.98
CA ARG A 164 18.82 -3.82 -1.41
C ARG A 164 19.55 -4.14 -2.71
N ASP A 165 19.67 -3.12 -3.55
CA ASP A 165 20.33 -3.20 -4.85
C ASP A 165 19.57 -4.06 -5.86
N THR A 166 18.24 -4.23 -5.69
CA THR A 166 17.42 -5.03 -6.59
C THR A 166 16.59 -4.10 -7.49
N HIS A 167 15.83 -4.70 -8.42
CA HIS A 167 14.96 -3.95 -9.32
C HIS A 167 13.67 -3.57 -8.58
N LEU A 168 13.80 -2.54 -7.73
CA LEU A 168 12.72 -2.17 -6.84
C LEU A 168 11.57 -1.44 -7.51
N VAL A 169 11.76 -0.87 -8.71
CA VAL A 169 10.60 -0.38 -9.45
C VAL A 169 9.70 -1.56 -9.80
N ARG A 170 10.27 -2.55 -10.49
CA ARG A 170 9.51 -3.71 -10.95
C ARG A 170 8.86 -4.44 -9.79
N LEU A 171 9.51 -4.46 -8.62
CA LEU A 171 8.91 -5.11 -7.45
C LEU A 171 7.82 -4.24 -6.81
N SER A 172 8.05 -2.93 -6.74
CA SER A 172 7.08 -2.05 -6.08
C SER A 172 5.77 -1.95 -6.85
N ILE A 173 5.82 -2.10 -8.18
CA ILE A 173 4.61 -2.00 -9.00
C ILE A 173 3.96 -3.36 -9.26
N ASP A 174 4.59 -4.45 -8.83
CA ASP A 174 4.03 -5.78 -9.00
C ASP A 174 2.78 -5.92 -8.14
N GLN A 175 1.78 -6.64 -8.67
CA GLN A 175 0.54 -6.86 -7.92
C GLN A 175 0.74 -7.67 -6.64
N ASN A 176 1.81 -8.46 -6.57
CA ASN A 176 2.12 -9.21 -5.36
C ASN A 176 3.14 -8.51 -4.48
N GLY A 177 4.23 -8.01 -5.08
CA GLY A 177 5.34 -7.51 -4.28
C GLY A 177 5.06 -6.20 -3.57
N ASN A 178 4.11 -5.42 -4.09
CA ASN A 178 3.77 -4.11 -3.47
C ASN A 178 3.37 -4.36 -2.02
N HIS A 179 2.66 -5.45 -1.77
CA HIS A 179 2.22 -5.74 -0.42
C HIS A 179 3.38 -6.15 0.47
N VAL A 180 4.42 -6.78 -0.08
CA VAL A 180 5.59 -7.12 0.71
C VAL A 180 6.32 -5.87 1.14
N ILE A 181 6.53 -4.95 0.18
CA ILE A 181 7.18 -3.67 0.47
C ILE A 181 6.39 -2.89 1.52
N GLN A 182 5.06 -2.90 1.40
CA GLN A 182 4.22 -2.14 2.34
C GLN A 182 4.31 -2.79 3.72
N LYS A 183 4.35 -4.12 3.77
CA LYS A 183 4.42 -4.80 5.06
C LYS A 183 5.74 -4.51 5.75
N ILE A 184 6.84 -4.49 4.98
CA ILE A 184 8.14 -4.11 5.54
C ILE A 184 8.07 -2.71 6.12
N VAL A 185 7.59 -1.76 5.33
CA VAL A 185 7.60 -0.37 5.72
C VAL A 185 6.71 -0.12 6.94
N LYS A 186 5.55 -0.77 6.99
CA LYS A 186 4.61 -0.54 8.07
C LYS A 186 4.95 -1.30 9.34
N THR A 187 5.77 -2.36 9.23
CA THR A 187 6.03 -3.25 10.36
C THR A 187 7.42 -3.03 10.96
N LEU A 188 8.46 -2.98 10.12
CA LEU A 188 9.84 -3.01 10.60
C LEU A 188 10.39 -1.61 10.88
N PRO A 189 11.42 -1.50 11.75
CA PRO A 189 12.04 -0.19 12.02
C PRO A 189 12.67 0.39 10.76
N VAL A 190 12.69 1.72 10.70
CA VAL A 190 13.11 2.44 9.50
C VAL A 190 14.53 2.05 9.08
N SER A 191 15.38 1.73 10.06
CA SER A 191 16.76 1.32 9.78
C SER A 191 16.84 0.09 8.89
N SER A 192 15.81 -0.75 8.91
CA SER A 192 15.75 -1.95 8.07
C SER A 192 15.42 -1.66 6.61
N TRP A 193 14.99 -0.43 6.27
CA TRP A 193 14.52 -0.15 4.92
C TRP A 193 14.86 1.28 4.47
N THR A 194 15.92 1.84 5.04
CA THR A 194 16.42 3.18 4.67
C THR A 194 16.86 3.13 3.21
N PHE A 195 17.21 1.95 2.71
CA PHE A 195 17.67 1.75 1.32
C PHE A 195 16.50 1.97 0.35
N LEU A 196 15.27 1.80 0.81
CA LEU A 196 14.06 2.00 -0.02
C LEU A 196 13.85 3.51 -0.19
N VAL A 197 14.10 4.30 0.85
CA VAL A 197 14.01 5.75 0.77
C VAL A 197 15.14 6.30 -0.07
N ASP A 198 16.31 5.66 -0.05
CA ASP A 198 17.37 6.14 -0.93
C ASP A 198 17.03 5.84 -2.39
N PHE A 199 16.36 4.70 -2.63
CA PHE A 199 15.97 4.34 -4.00
C PHE A 199 14.98 5.33 -4.57
N PHE A 200 13.97 5.70 -3.77
CA PHE A 200 12.94 6.62 -4.22
C PHE A 200 13.40 8.07 -4.24
N ALA A 201 14.59 8.37 -3.72
CA ALA A 201 15.12 9.72 -3.88
C ALA A 201 15.34 10.07 -5.35
N ASP A 202 15.69 9.10 -6.19
CA ASP A 202 15.79 9.37 -7.62
C ASP A 202 14.42 9.78 -8.16
N ASP A 203 14.39 10.83 -8.98
CA ASP A 203 13.11 11.30 -9.51
C ASP A 203 12.47 10.24 -10.42
N ASP A 204 13.26 9.60 -11.27
CA ASP A 204 12.67 8.68 -12.24
C ASP A 204 12.07 7.47 -11.55
N ASN A 205 12.73 6.95 -10.51
CA ASN A 205 12.15 5.82 -9.79
C ASN A 205 10.84 6.24 -9.14
N LEU A 206 10.85 7.41 -8.47
CA LEU A 206 9.66 7.85 -7.76
C LEU A 206 8.49 8.05 -8.72
N ILE A 207 8.76 8.60 -9.90
CA ILE A 207 7.67 8.86 -10.82
C ILE A 207 7.12 7.53 -11.34
N HIS A 208 8.02 6.63 -11.77
CA HIS A 208 7.57 5.37 -12.35
C HIS A 208 6.77 4.57 -11.34
N VAL A 209 7.06 4.71 -10.05
CA VAL A 209 6.34 3.92 -9.02
C VAL A 209 5.05 4.64 -8.59
N CYS A 210 5.10 5.95 -8.35
CA CYS A 210 3.92 6.68 -7.80
C CYS A 210 2.78 6.69 -8.83
N GLN A 211 3.12 6.70 -10.12
CA GLN A 211 2.09 6.68 -11.18
C GLN A 211 1.78 5.23 -11.54
N ASP A 212 1.43 4.41 -10.55
CA ASP A 212 1.05 3.00 -10.79
C ASP A 212 -0.03 2.60 -9.79
N LYS A 213 -0.98 1.77 -10.20
CA LYS A 213 -2.13 1.40 -9.32
C LYS A 213 -1.61 0.80 -8.03
N TYR A 214 -0.46 0.12 -8.09
CA TYR A 214 0.09 -0.50 -6.90
C TYR A 214 1.16 0.36 -6.25
N GLY A 215 2.02 0.98 -7.06
CA GLY A 215 3.15 1.71 -6.51
C GLY A 215 2.76 2.95 -5.72
N CYS A 216 1.64 3.58 -6.09
CA CYS A 216 1.16 4.74 -5.32
C CYS A 216 0.86 4.33 -3.90
N ARG A 217 0.44 3.09 -3.69
CA ARG A 217 0.23 2.60 -2.33
C ARG A 217 1.56 2.43 -1.59
N VAL A 218 2.63 2.03 -2.30
CA VAL A 218 3.92 1.87 -1.66
C VAL A 218 4.43 3.23 -1.20
N ILE A 219 4.41 4.21 -2.10
CA ILE A 219 4.85 5.55 -1.77
C ILE A 219 4.02 6.14 -0.64
N GLN A 220 2.70 5.93 -0.66
CA GLN A 220 1.90 6.51 0.41
C GLN A 220 2.15 5.83 1.75
N SER A 221 2.40 4.51 1.78
CA SER A 221 2.65 3.88 3.08
C SER A 221 4.00 4.30 3.64
N THR A 222 4.96 4.58 2.75
CA THR A 222 6.25 5.09 3.21
C THR A 222 6.14 6.48 3.79
N VAL A 223 5.38 7.36 3.13
CA VAL A 223 5.19 8.71 3.67
C VAL A 223 4.45 8.67 4.99
N GLU A 224 3.40 7.84 5.08
CA GLU A 224 2.68 7.72 6.35
C GLU A 224 3.62 7.30 7.47
N THR A 225 4.51 6.35 7.20
CA THR A 225 5.35 5.84 8.28
C THR A 225 6.40 6.88 8.68
N LEU A 226 7.06 7.50 7.70
CA LEU A 226 8.10 8.47 7.99
C LEU A 226 7.55 9.74 8.66
N SER A 227 6.28 10.08 8.41
CA SER A 227 5.70 11.32 8.94
C SER A 227 5.09 11.18 10.33
N THR A 228 4.77 9.98 10.78
CA THR A 228 4.18 9.81 12.10
C THR A 228 5.29 9.77 13.15
N ASP A 229 5.10 10.55 14.22
CA ASP A 229 6.14 10.71 15.23
C ASP A 229 5.52 10.71 16.62
N ALA A 232 7.85 12.81 18.70
CA ALA A 232 8.40 12.03 19.80
C ALA A 232 9.92 11.87 19.71
N GLN A 233 10.56 12.66 18.85
CA GLN A 233 11.99 12.53 18.56
C GLN A 233 12.72 13.83 18.85
N CYS A 234 14.00 13.69 19.20
CA CYS A 234 14.88 14.80 19.60
C CYS A 234 15.86 15.19 18.52
N TYR A 235 16.45 14.20 17.82
CA TYR A 235 17.14 14.41 16.56
C TYR A 235 16.13 14.18 15.42
N GLN A 236 16.59 14.37 14.19
CA GLN A 236 15.87 14.39 12.94
C GLN A 236 16.20 13.24 11.98
N HIS A 237 16.25 11.97 12.42
CA HIS A 237 16.60 10.92 11.46
C HIS A 237 15.47 10.69 10.44
N ARG A 238 14.28 10.30 10.94
CA ARG A 238 13.12 10.17 10.06
C ARG A 238 12.80 11.49 9.38
N VAL A 239 13.17 12.60 10.00
CA VAL A 239 12.99 13.92 9.39
C VAL A 239 13.83 14.04 8.12
N ILE A 240 15.10 13.61 8.19
CA ILE A 240 15.98 13.72 7.02
C ILE A 240 15.54 12.74 5.94
N LEU A 241 15.10 11.55 6.33
CA LEU A 241 14.61 10.59 5.34
C LEU A 241 13.35 11.09 4.65
N LEU A 242 12.40 11.60 5.44
CA LEU A 242 11.18 12.16 4.90
C LEU A 242 11.49 13.32 3.97
N ARG A 243 12.44 14.17 4.37
CA ARG A 243 12.82 15.32 3.55
C ARG A 243 13.36 14.86 2.21
N SER A 244 14.14 13.77 2.22
CA SER A 244 14.71 13.27 0.97
C SER A 244 13.62 12.79 0.03
N LEU A 245 12.61 12.12 0.58
CA LEU A 245 11.53 11.60 -0.27
C LEU A 245 10.63 12.73 -0.76
N MET A 246 10.18 13.57 0.17
CA MET A 246 9.22 14.63 -0.19
C MET A 246 9.80 15.58 -1.23
N ALA A 247 11.11 15.67 -1.33
CA ALA A 247 11.73 16.60 -2.29
C ALA A 247 11.42 16.15 -3.71
N GLY A 248 11.43 14.85 -3.96
CA GLY A 248 11.07 14.32 -5.29
C GLY A 248 9.60 14.52 -5.57
N VAL A 249 8.76 14.33 -4.56
CA VAL A 249 7.30 14.56 -4.73
C VAL A 249 7.09 16.02 -5.09
N THR A 250 7.73 16.93 -4.35
CA THR A 250 7.52 18.38 -4.58
C THR A 250 8.08 18.79 -5.94
N ARG A 251 9.19 18.19 -6.35
CA ARG A 251 9.82 18.59 -7.62
C ARG A 251 8.98 18.12 -8.80
N ASN A 252 8.13 17.12 -8.57
CA ASN A 252 7.37 16.55 -9.72
C ASN A 252 5.87 16.52 -9.41
N CYS A 253 5.39 17.42 -8.55
CA CYS A 253 3.98 17.38 -8.09
C CYS A 253 3.01 17.91 -9.14
N THR A 254 3.47 18.72 -10.09
CA THR A 254 2.55 19.17 -11.17
C THR A 254 2.10 17.95 -11.97
N GLN A 255 3.04 17.08 -12.31
CA GLN A 255 2.70 15.85 -13.06
C GLN A 255 1.94 14.90 -12.14
N LEU A 256 2.40 14.74 -10.90
CA LEU A 256 1.76 13.75 -10.04
C LEU A 256 0.33 14.12 -9.66
N ALA A 257 0.04 15.42 -9.55
CA ALA A 257 -1.30 15.84 -9.08
C ALA A 257 -2.36 15.57 -10.16
N SER A 258 -1.94 15.52 -11.41
CA SER A 258 -2.89 15.32 -12.52
C SER A 258 -2.90 13.84 -12.95
N ASN A 259 -2.22 12.97 -12.21
CA ASN A 259 -2.12 11.53 -12.58
C ASN A 259 -3.30 10.75 -12.01
N GLU A 260 -3.73 9.70 -12.72
CA GLU A 260 -4.87 8.87 -12.27
C GLU A 260 -4.54 8.13 -10.98
N PHE A 261 -3.26 7.92 -10.69
CA PHE A 261 -3.00 7.20 -9.44
C PHE A 261 -2.33 8.06 -8.38
N ALA A 262 -1.35 8.87 -8.77
CA ALA A 262 -0.55 9.65 -7.82
C ALA A 262 -1.34 10.77 -7.15
N ASN A 263 -2.51 11.12 -7.68
CA ASN A 263 -3.33 12.21 -7.12
C ASN A 263 -3.71 11.89 -5.68
N TYR A 264 -3.84 10.60 -5.38
CA TYR A 264 -4.25 10.20 -4.03
C TYR A 264 -3.16 10.50 -3.02
N VAL A 265 -1.89 10.36 -3.38
CA VAL A 265 -0.86 10.62 -2.37
C VAL A 265 -0.64 12.12 -2.23
N VAL A 266 -0.80 12.89 -3.32
CA VAL A 266 -0.74 14.35 -3.20
C VAL A 266 -1.82 14.82 -2.23
N GLN A 267 -3.04 14.29 -2.36
CA GLN A 267 -4.10 14.65 -1.43
C GLN A 267 -3.75 14.25 -0.01
N HIS A 268 -3.07 13.10 0.15
CA HIS A 268 -2.68 12.69 1.49
C HIS A 268 -1.72 13.69 2.12
N VAL A 269 -0.73 14.14 1.34
CA VAL A 269 0.21 15.14 1.84
C VAL A 269 -0.51 16.40 2.27
N ILE A 270 -1.58 16.76 1.53
CA ILE A 270 -2.25 18.03 1.82
C ILE A 270 -3.20 17.89 3.01
N LYS A 271 -3.85 16.74 3.14
CA LYS A 271 -4.83 16.58 4.23
C LYS A 271 -4.12 16.28 5.54
N CYS A 272 -2.88 15.81 5.49
CA CYS A 272 -2.22 15.37 6.72
C CYS A 272 -1.94 16.53 7.66
N GLY A 273 -1.37 17.63 7.15
CA GLY A 273 -0.94 18.65 8.08
C GLY A 273 0.25 18.15 8.90
N ASP A 274 0.44 18.78 10.06
CA ASP A 274 1.48 18.41 11.02
C ASP A 274 2.84 18.25 10.34
N ALA A 275 3.41 17.03 10.33
CA ALA A 275 4.76 16.88 9.80
C ALA A 275 4.84 17.15 8.31
N LEU A 276 3.71 17.00 7.60
CA LEU A 276 3.67 17.23 6.16
C LEU A 276 3.21 18.64 5.79
N ALA A 277 2.89 19.50 6.77
CA ALA A 277 2.30 20.81 6.44
C ALA A 277 3.23 21.66 5.57
N VAL A 278 4.54 21.65 5.84
CA VAL A 278 5.43 22.48 5.02
C VAL A 278 5.42 21.99 3.58
N TYR A 279 5.36 20.66 3.39
CA TYR A 279 5.31 20.14 2.03
C TYR A 279 3.96 20.45 1.37
N ARG A 280 2.87 20.47 2.15
CA ARG A 280 1.59 20.93 1.62
C ARG A 280 1.75 22.32 1.02
N ASP A 281 2.44 23.22 1.76
CA ASP A 281 2.50 24.60 1.31
C ASP A 281 3.30 24.66 0.02
N ILE A 282 4.37 23.88 -0.07
CA ILE A 282 5.21 23.90 -1.29
C ILE A 282 4.39 23.46 -2.50
N ILE A 283 3.58 22.41 -2.36
CA ILE A 283 2.79 21.87 -3.51
C ILE A 283 1.84 22.94 -4.04
N ILE A 284 1.11 23.60 -3.17
CA ILE A 284 0.13 24.63 -3.59
C ILE A 284 0.89 25.75 -4.31
N GLU A 285 2.01 26.21 -3.75
CA GLU A 285 2.73 27.38 -4.31
C GLU A 285 3.45 27.04 -5.62
N GLN A 286 3.99 25.83 -5.76
CA GLN A 286 4.82 25.55 -6.96
C GLN A 286 4.07 24.69 -7.98
N CYS A 287 2.86 24.24 -7.68
CA CYS A 287 2.20 23.32 -8.64
C CYS A 287 0.73 23.72 -8.88
N LEU A 288 -0.02 23.96 -7.81
CA LEU A 288 -1.46 24.27 -7.94
C LEU A 288 -1.63 25.72 -8.43
N LEU A 289 -0.85 26.64 -7.88
CA LEU A 289 -1.05 28.07 -8.23
C LEU A 289 -0.68 28.31 -9.70
N GLN A 290 -1.41 29.20 -10.37
CA GLN A 290 -1.23 29.48 -11.82
C GLN A 290 -1.90 28.37 -12.63
N ASN A 291 -2.38 27.31 -11.96
CA ASN A 291 -2.95 26.17 -12.67
C ASN A 291 -4.30 25.76 -12.11
N LEU A 292 -4.94 26.59 -11.28
CA LEU A 292 -6.17 26.15 -10.61
C LEU A 292 -7.30 25.96 -11.61
N LEU A 293 -7.38 26.83 -12.61
CA LEU A 293 -8.47 26.71 -13.59
C LEU A 293 -8.34 25.43 -14.39
N SER A 294 -7.16 25.15 -14.93
CA SER A 294 -7.01 23.94 -15.74
C SER A 294 -7.16 22.69 -14.88
N MET A 295 -6.58 22.66 -13.69
CA MET A 295 -6.68 21.46 -12.87
C MET A 295 -8.10 21.21 -12.39
N SER A 296 -8.87 22.28 -12.22
CA SER A 296 -10.22 22.14 -11.71
C SER A 296 -11.15 21.49 -12.72
N GLN A 297 -10.82 21.52 -14.01
CA GLN A 297 -11.59 20.89 -15.06
C GLN A 297 -11.08 19.49 -15.39
N GLU A 298 -10.09 18.99 -14.65
CA GLU A 298 -9.53 17.66 -14.89
C GLU A 298 -10.18 16.66 -13.95
N LYS A 299 -10.31 15.41 -14.44
CA LYS A 299 -10.98 14.40 -13.65
C LYS A 299 -10.23 14.10 -12.35
N TYR A 300 -8.90 14.09 -12.41
CA TYR A 300 -8.15 13.64 -11.25
C TYR A 300 -7.72 14.82 -10.37
N ALA A 301 -7.10 15.84 -11.00
CA ALA A 301 -6.58 16.98 -10.27
C ALA A 301 -7.64 17.82 -9.59
N SER A 302 -8.91 17.74 -10.03
CA SER A 302 -9.95 18.54 -9.41
C SER A 302 -10.19 18.11 -7.96
N HIS A 303 -9.94 16.83 -7.65
CA HIS A 303 -9.95 16.38 -6.26
C HIS A 303 -8.79 16.99 -5.46
N VAL A 304 -7.63 17.15 -6.11
CA VAL A 304 -6.49 17.79 -5.45
C VAL A 304 -6.82 19.25 -5.14
N VAL A 305 -7.48 19.93 -6.06
CA VAL A 305 -7.81 21.34 -5.81
C VAL A 305 -8.83 21.44 -4.68
N GLU A 306 -9.74 20.49 -4.62
CA GLU A 306 -10.74 20.48 -3.52
C GLU A 306 -10.01 20.37 -2.18
N VAL A 307 -9.10 19.40 -2.05
CA VAL A 307 -8.47 19.21 -0.74
C VAL A 307 -7.53 20.38 -0.39
N ALA A 308 -6.91 21.01 -1.39
CA ALA A 308 -6.15 22.24 -1.13
C ALA A 308 -7.03 23.39 -0.64
N PHE A 309 -8.24 23.58 -1.20
CA PHE A 309 -9.13 24.59 -0.63
C PHE A 309 -9.60 24.21 0.77
N GLU A 310 -9.74 22.91 1.03
CA GLU A 310 -10.24 22.47 2.33
C GLU A 310 -9.22 22.72 3.43
N CYS A 311 -7.95 22.42 3.16
CA CYS A 311 -6.93 22.27 4.20
C CYS A 311 -5.88 23.37 4.22
N ALA A 312 -5.85 24.25 3.22
CA ALA A 312 -4.75 25.20 3.14
C ALA A 312 -4.84 26.23 4.25
N PRO A 313 -3.70 26.77 4.70
CA PRO A 313 -3.75 27.91 5.62
C PRO A 313 -4.32 29.13 4.92
N TYR A 314 -4.88 30.03 5.72
CA TYR A 314 -5.51 31.24 5.20
C TYR A 314 -4.67 31.98 4.18
N ARG A 315 -3.37 32.16 4.45
CA ARG A 315 -2.51 32.92 3.54
C ARG A 315 -2.47 32.31 2.14
N LEU A 316 -2.60 30.99 2.03
CA LEU A 316 -2.66 30.34 0.73
C LEU A 316 -4.07 30.26 0.16
N VAL A 317 -5.09 30.09 1.01
CA VAL A 317 -6.48 30.20 0.55
C VAL A 317 -6.68 31.55 -0.12
N ALA A 318 -6.03 32.59 0.39
CA ALA A 318 -6.19 33.90 -0.21
C ALA A 318 -5.57 33.94 -1.61
N GLU A 319 -4.40 33.32 -1.81
CA GLU A 319 -3.87 33.35 -3.17
C GLU A 319 -4.73 32.53 -4.10
N MET A 320 -5.32 31.44 -3.60
CA MET A 320 -6.12 30.56 -4.47
C MET A 320 -7.40 31.26 -4.92
N MET A 321 -8.11 31.84 -3.95
CA MET A 321 -9.25 32.69 -4.20
C MET A 321 -8.93 33.81 -5.19
N ASN A 322 -7.85 34.58 -4.93
CA ASN A 322 -7.56 35.71 -5.79
C ASN A 322 -7.22 35.23 -7.20
N GLU A 323 -6.66 34.03 -7.37
CA GLU A 323 -6.40 33.52 -8.74
C GLU A 323 -7.73 33.24 -9.47
N ILE A 324 -8.70 32.62 -8.81
CA ILE A 324 -9.97 32.24 -9.48
C ILE A 324 -10.76 33.50 -9.85
N PHE A 325 -10.79 34.49 -8.98
CA PHE A 325 -11.63 35.68 -9.23
C PHE A 325 -10.90 36.75 -10.04
N GLU A 326 -9.57 36.81 -9.95
CA GLU A 326 -8.84 37.88 -10.59
C GLU A 326 -7.66 37.40 -11.47
N GLY A 327 -7.38 36.10 -11.49
CA GLY A 327 -6.12 35.64 -12.06
C GLY A 327 -6.06 35.40 -13.55
N TYR A 328 -7.19 35.44 -14.24
CA TYR A 328 -7.26 34.95 -15.61
C TYR A 328 -7.82 36.00 -16.54
N ILE A 329 -7.30 36.00 -17.76
CA ILE A 329 -7.86 36.83 -18.83
C ILE A 329 -9.16 36.23 -19.31
N PRO A 330 -10.28 36.99 -19.33
CA PRO A 330 -11.54 36.43 -19.82
C PRO A 330 -11.50 36.02 -21.28
N HIS A 331 -12.27 34.99 -21.61
CA HIS A 331 -12.22 34.38 -22.93
C HIS A 331 -12.60 35.40 -24.01
N PRO A 332 -11.84 35.49 -25.12
CA PRO A 332 -12.17 36.53 -26.11
C PRO A 332 -13.56 36.42 -26.76
N ASP A 333 -14.10 35.21 -26.96
CA ASP A 333 -15.38 35.01 -27.64
C ASP A 333 -16.57 35.14 -26.70
N THR A 334 -16.46 34.56 -25.50
CA THR A 334 -17.56 34.46 -24.54
C THR A 334 -17.46 35.43 -23.38
N ASN A 335 -16.31 36.09 -23.18
CA ASN A 335 -16.08 37.01 -22.06
C ASN A 335 -16.23 36.28 -20.72
N ARG A 336 -15.94 34.98 -20.72
CA ARG A 336 -16.16 34.12 -19.55
C ARG A 336 -14.88 33.97 -18.73
N ASP A 337 -14.94 34.20 -17.43
CA ASP A 337 -13.75 34.14 -16.55
C ASP A 337 -13.69 32.75 -15.92
N ALA A 338 -12.90 32.55 -14.87
CA ALA A 338 -12.73 31.20 -14.31
C ALA A 338 -13.97 30.71 -13.56
N LEU A 339 -14.61 31.57 -12.77
CA LEU A 339 -15.74 31.11 -11.93
C LEU A 339 -16.89 30.71 -12.85
N ASP A 340 -17.08 31.46 -13.92
CA ASP A 340 -18.16 31.14 -14.88
C ASP A 340 -17.97 29.72 -15.41
N ILE A 341 -16.75 29.39 -15.81
CA ILE A 341 -16.45 28.04 -16.38
C ILE A 341 -16.67 26.96 -15.32
N LEU A 342 -16.14 27.16 -14.11
CA LEU A 342 -16.21 26.09 -13.09
C LEU A 342 -17.64 25.92 -12.58
N LEU A 343 -18.45 26.98 -12.63
CA LEU A 343 -19.85 26.90 -12.14
C LEU A 343 -20.65 25.92 -13.00
N PHE A 344 -20.31 25.80 -14.28
CA PHE A 344 -21.10 24.94 -15.20
C PHE A 344 -20.30 23.71 -15.63
N HIS A 345 -19.14 23.46 -15.01
CA HIS A 345 -18.29 22.32 -15.41
C HIS A 345 -18.62 21.07 -14.58
N GLN A 346 -18.54 19.90 -15.20
CA GLN A 346 -18.94 18.64 -14.51
C GLN A 346 -17.96 18.30 -13.38
N TYR A 347 -16.75 18.84 -13.45
CA TYR A 347 -15.74 18.57 -12.39
C TYR A 347 -15.53 19.82 -11.54
N GLY A 348 -15.56 21.00 -12.16
CA GLY A 348 -15.28 22.26 -11.45
C GLY A 348 -16.37 22.67 -10.47
N ASN A 349 -17.59 22.21 -10.69
CA ASN A 349 -18.71 22.54 -9.78
C ASN A 349 -18.34 22.06 -8.38
N TYR A 350 -17.63 20.93 -8.30
CA TYR A 350 -17.22 20.37 -7.00
C TYR A 350 -16.20 21.30 -6.33
N VAL A 351 -15.32 21.91 -7.12
CA VAL A 351 -14.33 22.89 -6.57
C VAL A 351 -15.10 24.10 -6.02
N VAL A 352 -16.09 24.60 -6.76
CA VAL A 352 -16.81 25.83 -6.34
C VAL A 352 -17.57 25.52 -5.04
N GLN A 353 -17.99 24.27 -4.87
CA GLN A 353 -18.72 23.88 -3.64
C GLN A 353 -17.75 23.85 -2.46
N GLN A 354 -16.51 23.41 -2.67
CA GLN A 354 -15.51 23.42 -1.57
C GLN A 354 -15.16 24.87 -1.22
N MET A 355 -15.06 25.73 -2.23
CA MET A 355 -14.77 27.15 -1.98
C MET A 355 -15.86 27.73 -1.08
N ILE A 356 -17.12 27.41 -1.34
CA ILE A 356 -18.25 27.91 -0.50
C ILE A 356 -18.10 27.35 0.92
N GLN A 357 -17.85 26.04 1.04
CA GLN A 357 -17.75 25.41 2.36
C GLN A 357 -16.58 26.04 3.12
N THR A 358 -15.44 26.21 2.45
CA THR A 358 -14.25 26.79 3.11
C THR A 358 -14.60 28.18 3.64
N CYS A 359 -15.26 29.00 2.81
CA CYS A 359 -15.59 30.38 3.22
C CYS A 359 -16.61 30.35 4.37
N VAL A 360 -17.57 29.44 4.33
CA VAL A 360 -18.63 29.37 5.37
C VAL A 360 -17.98 29.03 6.72
N LEU A 361 -17.03 28.10 6.72
CA LEU A 361 -16.38 27.67 7.98
C LEU A 361 -15.39 28.75 8.43
N GLY A 362 -14.83 29.49 7.48
CA GLY A 362 -13.84 30.54 7.81
C GLY A 362 -14.48 31.77 8.42
N GLN A 363 -15.79 31.91 8.28
CA GLN A 363 -16.49 33.04 8.91
C GLN A 363 -16.47 32.86 10.43
N ASN A 364 -16.21 31.63 10.89
CA ASN A 364 -16.17 31.34 12.35
C ASN A 364 -14.75 31.55 12.86
N ALA A 365 -13.88 32.11 12.04
CA ALA A 365 -12.47 32.32 12.44
C ALA A 365 -12.37 33.47 13.43
N ARG A 366 -11.35 33.44 14.28
CA ARG A 366 -11.18 34.49 15.32
C ARG A 366 -10.82 35.82 14.67
N ASP A 367 -9.83 35.83 13.77
CA ASP A 367 -9.40 37.11 13.18
C ASP A 367 -10.59 37.74 12.44
N GLN A 368 -10.84 39.02 12.69
CA GLN A 368 -11.98 39.71 12.05
C GLN A 368 -11.69 39.88 10.55
N LYS A 369 -10.45 40.23 10.21
CA LYS A 369 -10.13 40.50 8.79
C LYS A 369 -10.40 39.22 7.99
N GLN A 370 -9.96 38.09 8.51
CA GLN A 370 -10.14 36.81 7.79
C GLN A 370 -11.63 36.58 7.59
N SER A 371 -12.42 36.71 8.65
CA SER A 371 -13.88 36.52 8.55
C SER A 371 -14.46 37.42 7.46
N GLU A 372 -14.06 38.68 7.43
CA GLU A 372 -14.55 39.63 6.41
C GLU A 372 -14.13 39.13 5.02
N MET A 373 -12.91 38.63 4.91
CA MET A 373 -12.39 38.22 3.58
C MET A 373 -13.15 36.98 3.08
N TYR A 374 -13.47 36.06 3.98
CA TYR A 374 -14.25 34.86 3.60
C TYR A 374 -15.64 35.29 3.13
N GLY A 375 -16.22 36.27 3.82
CA GLY A 375 -17.55 36.77 3.43
C GLY A 375 -17.52 37.46 2.09
N MET A 376 -16.45 38.20 1.80
CA MET A 376 -16.33 38.91 0.51
C MET A 376 -16.29 37.88 -0.62
N TRP A 377 -15.58 36.78 -0.40
CA TRP A 377 -15.47 35.73 -1.45
C TRP A 377 -16.84 35.06 -1.64
N LEU A 378 -17.57 34.83 -0.55
CA LEU A 378 -18.93 34.23 -0.64
C LEU A 378 -19.85 35.18 -1.41
N GLU A 379 -19.69 36.49 -1.19
CA GLU A 379 -20.54 37.49 -1.88
C GLU A 379 -20.22 37.49 -3.37
N LYS A 380 -18.94 37.33 -3.72
CA LYS A 380 -18.58 37.26 -5.16
C LYS A 380 -19.26 36.03 -5.77
N ILE A 381 -19.21 34.88 -5.07
CA ILE A 381 -19.82 33.64 -5.60
C ILE A 381 -21.33 33.81 -5.67
N HIS A 382 -21.94 34.35 -4.62
CA HIS A 382 -23.41 34.51 -4.57
C HIS A 382 -23.86 35.34 -5.77
N GLY A 383 -23.13 36.40 -6.06
CA GLY A 383 -23.50 37.27 -7.19
C GLY A 383 -23.48 36.55 -8.51
N ARG A 384 -22.43 35.78 -8.78
CA ARG A 384 -22.32 35.10 -10.10
C ARG A 384 -23.40 34.03 -10.19
N VAL A 385 -23.69 33.37 -9.07
CA VAL A 385 -24.69 32.27 -9.05
C VAL A 385 -26.07 32.89 -9.35
N MET A 386 -26.37 34.04 -8.75
CA MET A 386 -27.67 34.72 -9.00
C MET A 386 -27.77 35.06 -10.48
N ARG A 387 -26.70 35.56 -11.08
CA ARG A 387 -26.74 35.97 -12.49
C ARG A 387 -26.98 34.76 -13.38
N ASN A 388 -26.72 33.56 -12.89
CA ASN A 388 -26.83 32.36 -13.76
C ASN A 388 -27.75 31.33 -13.10
N ALA A 389 -28.57 31.76 -12.14
CA ALA A 389 -29.44 30.82 -11.37
C ALA A 389 -30.48 30.16 -12.26
N HIS A 390 -31.03 30.90 -13.22
CA HIS A 390 -32.10 30.34 -14.07
C HIS A 390 -31.65 29.02 -14.69
N ARG A 391 -30.36 28.91 -15.00
CA ARG A 391 -29.84 27.67 -15.64
C ARG A 391 -29.35 26.70 -14.56
N LEU A 392 -28.69 27.20 -13.52
CA LEU A 392 -28.07 26.32 -12.50
C LEU A 392 -29.14 25.52 -11.74
N GLU A 393 -30.34 26.05 -11.60
CA GLU A 393 -31.39 25.36 -10.79
C GLU A 393 -31.87 24.10 -11.51
N ARG A 394 -31.48 23.90 -12.75
CA ARG A 394 -31.94 22.73 -13.53
C ARG A 394 -30.95 21.58 -13.35
N PHE A 395 -29.77 21.87 -12.80
CA PHE A 395 -28.74 20.84 -12.60
C PHE A 395 -28.68 20.44 -11.13
N SER A 396 -28.22 19.23 -10.86
CA SER A 396 -28.06 18.77 -9.46
C SER A 396 -26.93 19.56 -8.81
N SER A 397 -25.92 19.94 -9.58
CA SER A 397 -24.81 20.71 -9.04
C SER A 397 -25.27 22.11 -8.65
N GLY A 398 -26.06 22.75 -9.50
CA GLY A 398 -26.52 24.09 -9.20
C GLY A 398 -27.52 24.14 -8.06
N LYS A 399 -28.32 23.08 -7.90
CA LYS A 399 -29.22 23.06 -6.74
C LYS A 399 -28.41 22.99 -5.46
N LYS A 400 -27.37 22.15 -5.43
CA LYS A 400 -26.53 22.06 -4.23
C LYS A 400 -25.76 23.34 -3.96
N ILE A 401 -25.32 24.02 -5.00
CA ILE A 401 -24.66 25.31 -4.83
C ILE A 401 -25.61 26.33 -4.21
N ILE A 402 -26.83 26.43 -4.76
CA ILE A 402 -27.79 27.41 -4.26
C ILE A 402 -28.19 27.11 -2.82
N GLU A 403 -28.27 25.82 -2.47
CA GLU A 403 -28.61 25.45 -1.10
C GLU A 403 -27.46 25.74 -0.14
N ALA A 404 -26.24 25.73 -0.64
CA ALA A 404 -25.08 25.99 0.24
C ALA A 404 -24.95 27.48 0.53
N LEU A 405 -25.67 28.32 -0.22
CA LEU A 405 -25.53 29.79 -0.07
C LEU A 405 -26.80 30.38 0.52
N GLN A 406 -27.61 29.58 1.21
CA GLN A 406 -28.94 30.10 1.66
C GLN A 406 -28.93 30.52 3.13
N SER A 407 -29.79 31.49 3.49
CA SER A 407 -29.91 31.97 4.88
C SER A 407 -28.52 32.30 5.41
N MET A 408 -27.80 33.15 4.72
CA MET A 408 -26.39 33.40 5.11
C MET A 408 -26.19 34.86 5.53
N SER A 409 -25.61 35.08 6.71
CA SER A 409 -25.26 36.46 7.14
C SER A 409 -23.76 36.59 6.93
N LEU A 410 -23.35 37.18 5.82
CA LEU A 410 -21.90 37.22 5.49
C LEU A 410 -21.12 38.05 6.52
N TYR A 411 -21.65 39.18 6.96
CA TYR A 411 -20.86 40.06 7.87
C TYR A 411 -21.65 40.35 9.15
C1 GOL C . 6.30 27.17 3.99
O1 GOL C . 5.13 27.24 4.81
C2 GOL C . 6.06 27.79 2.63
O2 GOL C . 5.52 29.10 2.78
C3 GOL C . 7.29 27.82 1.76
O3 GOL C . 7.10 28.63 0.61
C FMT D . -6.71 -47.61 -0.30
O1 FMT D . -6.39 -47.36 0.84
O2 FMT D . -5.93 -47.48 -1.34
C FMT E . -15.73 29.45 -23.25
O1 FMT E . -15.70 28.24 -23.18
O2 FMT E . -16.19 30.24 -22.34
C FMT F . 14.00 -33.85 15.17
O1 FMT F . 14.90 -33.14 15.64
O2 FMT F . 13.98 -34.48 14.08
C1 GOL G . -11.55 6.31 -3.11
O1 GOL G . -11.83 5.98 -4.47
C2 GOL G . -11.70 5.12 -2.17
O2 GOL G . -11.00 4.01 -2.68
C3 GOL G . -11.15 5.50 -0.79
O3 GOL G . -11.39 4.42 0.09
#